data_7RNG
#
_entry.id   7RNG
#
_cell.length_a   129.226
_cell.length_b   129.226
_cell.length_c   60.642
_cell.angle_alpha   90.000
_cell.angle_beta   90.000
_cell.angle_gamma   120.000
#
_symmetry.space_group_name_H-M   'P 63'
#
loop_
_entity.id
_entity.type
_entity.pdbx_description
1 polymer 'Caspase-3 subunit p17'
2 polymer 'Caspase-3 subunit p12'
3 polymer Ac-ITAKD-CHO
4 water water
#
loop_
_entity_poly.entity_id
_entity_poly.type
_entity_poly.pdbx_seq_one_letter_code
_entity_poly.pdbx_strand_id
1 'polypeptide(L)'
;DNSYKMDYPEMGLCIIINNKNFHKSTGMTSRSGTDVDAANLRETFRNLKYEVRNKNDLTREEIVELMRDVSKEDHSKRSS
FVCVLLSHGEEGIIFGTNGPVDLKKITNFFRGDRCRSLTGKPKLFIIQACRGTELDCGIET
;
A,C
2 'polypeptide(L)'
;CHKIPVEADFLYAYSTAPGYYSWRNSKDGSWFIQSLCAMLKQYADKLEFMHILTRVNRKVATEFESFSFDATFHAKKQIP
CIVSMLTKELYFYHH
;
B,D
3 'polypeptide(L)' (ACE)ITAK(ASA) F,G
#
loop_
_chem_comp.id
_chem_comp.type
_chem_comp.name
_chem_comp.formula
ACE non-polymer 'ACETYL GROUP' 'C2 H4 O'
#
# COMPACT_ATOMS: atom_id res chain seq x y z
N ASN A 2 20.91 1.58 -2.18
CA ASN A 2 19.72 1.26 -3.00
C ASN A 2 19.03 -0.05 -2.59
N SER A 3 19.84 -1.04 -2.22
CA SER A 3 19.37 -2.39 -1.94
C SER A 3 19.63 -2.73 -0.48
N TYR A 4 18.69 -3.42 0.15
CA TYR A 4 18.91 -3.88 1.50
C TYR A 4 20.11 -4.83 1.52
N LYS A 5 20.82 -4.82 2.63
CA LYS A 5 21.87 -5.81 2.81
C LYS A 5 21.20 -7.17 3.06
N MET A 6 21.43 -8.13 2.16
CA MET A 6 20.77 -9.41 2.29
C MET A 6 21.75 -10.55 2.57
N ASP A 7 23.01 -10.24 2.84
CA ASP A 7 24.05 -11.27 3.00
C ASP A 7 24.59 -11.33 4.42
N TYR A 8 23.72 -11.09 5.41
CA TYR A 8 23.98 -11.53 6.77
C TYR A 8 24.09 -13.06 6.79
N PRO A 9 24.65 -13.64 7.86
CA PRO A 9 24.74 -15.11 7.93
C PRO A 9 23.42 -15.83 7.66
N GLU A 10 22.28 -15.24 8.02
CA GLU A 10 20.97 -15.86 7.82
C GLU A 10 20.02 -14.93 7.09
N MET A 11 19.08 -15.51 6.34
CA MET A 11 18.03 -14.73 5.69
C MET A 11 16.97 -14.28 6.69
N GLY A 12 16.66 -15.12 7.66
CA GLY A 12 15.79 -14.76 8.76
C GLY A 12 14.71 -15.80 8.98
N LEU A 13 13.90 -15.54 10.00
CA LEU A 13 12.74 -16.39 10.24
C LEU A 13 11.65 -16.13 9.24
N CYS A 14 10.84 -17.17 9.02
CA CYS A 14 9.56 -17.07 8.34
C CYS A 14 8.55 -17.76 9.26
N ILE A 15 7.84 -16.97 10.04
CA ILE A 15 6.72 -17.45 10.86
C ILE A 15 5.48 -17.50 9.98
N ILE A 16 4.91 -18.70 9.82
CA ILE A 16 3.60 -18.88 9.18
C ILE A 16 2.61 -19.23 10.28
N ILE A 17 1.54 -18.43 10.38
CA ILE A 17 0.46 -18.68 11.33
C ILE A 17 -0.74 -19.13 10.52
N ASN A 18 -1.07 -20.41 10.62
CA ASN A 18 -2.04 -21.06 9.74
C ASN A 18 -3.26 -21.44 10.59
N ASN A 19 -4.29 -20.60 10.57
CA ASN A 19 -5.49 -20.81 11.36
C ASN A 19 -6.59 -21.33 10.47
N LYS A 20 -7.06 -22.55 10.76
CA LYS A 20 -8.02 -23.31 9.97
C LYS A 20 -9.34 -23.57 10.68
N ASN A 21 -9.34 -23.83 11.98
CA ASN A 21 -10.54 -24.26 12.69
C ASN A 21 -10.83 -23.26 13.82
N PHE A 22 -12.01 -22.68 13.77
CA PHE A 22 -12.39 -21.58 14.65
C PHE A 22 -13.48 -22.02 15.61
N HIS A 23 -13.41 -21.53 16.85
CA HIS A 23 -14.41 -21.83 17.86
C HIS A 23 -15.80 -21.45 17.38
N LYS A 24 -16.79 -22.23 17.84
CA LYS A 24 -18.19 -21.98 17.47
C LYS A 24 -18.61 -20.55 17.78
N SER A 25 -18.17 -20.01 18.92
CA SER A 25 -18.54 -18.65 19.30
C SER A 25 -18.22 -17.63 18.20
N THR A 26 -17.20 -17.90 17.37
CA THR A 26 -16.81 -16.91 16.36
C THR A 26 -17.74 -16.93 15.14
N GLY A 27 -18.50 -18.01 14.94
CA GLY A 27 -19.31 -18.14 13.75
C GLY A 27 -18.54 -18.35 12.47
N MET A 28 -17.22 -18.54 12.57
CA MET A 28 -16.34 -18.65 11.42
C MET A 28 -16.28 -20.11 10.99
N THR A 29 -16.20 -20.34 9.69
CA THR A 29 -16.17 -21.70 9.18
C THR A 29 -14.74 -22.16 8.92
N SER A 30 -14.60 -23.47 8.80
CA SER A 30 -13.28 -24.08 8.67
C SER A 30 -12.65 -23.69 7.33
N ARG A 31 -11.36 -23.33 7.35
CA ARG A 31 -10.71 -22.73 6.19
C ARG A 31 -10.06 -23.81 5.33
N SER A 32 -10.92 -24.63 4.72
CA SER A 32 -10.49 -25.68 3.80
C SER A 32 -9.55 -25.13 2.73
N GLY A 33 -8.39 -25.77 2.59
CA GLY A 33 -7.39 -25.39 1.62
C GLY A 33 -6.17 -24.71 2.22
N THR A 34 -6.29 -24.14 3.43
CA THR A 34 -5.20 -23.35 4.00
C THR A 34 -3.99 -24.21 4.36
N ASP A 35 -4.16 -25.54 4.47
CA ASP A 35 -3.03 -26.42 4.69
C ASP A 35 -2.16 -26.54 3.43
N VAL A 36 -2.77 -26.39 2.26
CA VAL A 36 -2.00 -26.34 1.02
C VAL A 36 -1.20 -25.04 0.94
N ASP A 37 -1.82 -23.91 1.29
CA ASP A 37 -1.07 -22.66 1.34
C ASP A 37 0.13 -22.80 2.27
N ALA A 38 -0.10 -23.36 3.47
CA ALA A 38 0.95 -23.40 4.47
C ALA A 38 2.10 -24.30 4.04
N ALA A 39 1.79 -25.44 3.40
CA ALA A 39 2.85 -26.29 2.86
C ALA A 39 3.57 -25.62 1.71
N ASN A 40 2.83 -24.90 0.86
CA ASN A 40 3.45 -24.25 -0.29
C ASN A 40 4.41 -23.15 0.15
N LEU A 41 3.99 -22.32 1.11
CA LEU A 41 4.84 -21.24 1.60
C LEU A 41 6.07 -21.78 2.30
N ARG A 42 5.92 -22.89 3.04
CA ARG A 42 7.04 -23.51 3.73
C ARG A 42 8.13 -23.92 2.74
N GLU A 43 7.74 -24.59 1.64
CA GLU A 43 8.71 -24.98 0.62
C GLU A 43 9.26 -23.76 -0.12
N THR A 44 8.41 -22.81 -0.51
CA THR A 44 8.89 -21.60 -1.19
C THR A 44 9.94 -20.87 -0.35
N PHE A 45 9.68 -20.68 0.95
CA PHE A 45 10.61 -19.87 1.74
C PHE A 45 11.83 -20.64 2.23
N ARG A 46 11.67 -21.94 2.55
CA ARG A 46 12.85 -22.81 2.71
C ARG A 46 13.78 -22.70 1.51
N ASN A 47 13.19 -22.53 0.31
CA ASN A 47 13.99 -22.50 -0.90
C ASN A 47 14.70 -21.16 -1.06
N LEU A 48 14.12 -20.08 -0.50
CA LEU A 48 14.83 -18.80 -0.36
C LEU A 48 15.79 -18.79 0.82
N LYS A 49 16.03 -19.95 1.45
CA LYS A 49 16.98 -20.12 2.56
C LYS A 49 16.50 -19.45 3.85
N TYR A 50 15.18 -19.33 4.01
CA TYR A 50 14.59 -18.80 5.24
C TYR A 50 14.34 -19.92 6.23
N GLU A 51 14.43 -19.58 7.51
CA GLU A 51 14.20 -20.54 8.60
C GLU A 51 12.72 -20.49 8.97
N VAL A 52 11.96 -21.53 8.60
CA VAL A 52 10.50 -21.49 8.65
C VAL A 52 10.00 -22.19 9.91
N ARG A 53 9.21 -21.47 10.71
CA ARG A 53 8.40 -22.03 11.80
C ARG A 53 6.93 -21.99 11.38
N ASN A 54 6.33 -23.17 11.11
CA ASN A 54 4.89 -23.27 10.94
C ASN A 54 4.18 -23.39 12.30
N LYS A 55 3.08 -22.66 12.43
CA LYS A 55 2.26 -22.64 13.65
C LYS A 55 0.81 -22.73 13.24
N ASN A 56 0.09 -23.72 13.74
CA ASN A 56 -1.29 -23.94 13.35
C ASN A 56 -2.23 -23.66 14.52
N ASP A 57 -3.41 -23.14 14.19
CA ASP A 57 -4.55 -22.99 15.10
C ASP A 57 -4.17 -22.38 16.46
N LEU A 58 -3.69 -21.15 16.43
CA LEU A 58 -3.47 -20.39 17.65
C LEU A 58 -4.62 -19.43 17.91
N THR A 59 -4.90 -19.24 19.20
CA THR A 59 -5.82 -18.21 19.67
C THR A 59 -5.19 -16.83 19.51
N ARG A 60 -6.01 -15.79 19.67
CA ARG A 60 -5.51 -14.42 19.59
C ARG A 60 -4.40 -14.20 20.58
N GLU A 61 -4.52 -14.82 21.77
CA GLU A 61 -3.54 -14.70 22.85
C GLU A 61 -2.23 -15.40 22.51
N GLU A 62 -2.30 -16.62 21.98
CA GLU A 62 -1.08 -17.29 21.53
C GLU A 62 -0.41 -16.52 20.39
N ILE A 63 -1.20 -15.94 19.48
CA ILE A 63 -0.62 -15.14 18.40
C ILE A 63 0.24 -14.01 18.99
N VAL A 64 -0.35 -13.19 19.85
CA VAL A 64 0.38 -12.03 20.36
C VAL A 64 1.52 -12.48 21.27
N GLU A 65 1.35 -13.59 22.00
CA GLU A 65 2.46 -14.15 22.77
C GLU A 65 3.58 -14.61 21.85
N LEU A 66 3.19 -15.31 20.76
CA LEU A 66 4.15 -15.75 19.76
C LEU A 66 4.90 -14.58 19.16
N MET A 67 4.18 -13.52 18.80
CA MET A 67 4.82 -12.39 18.12
C MET A 67 5.72 -11.61 19.05
N ARG A 68 5.27 -11.40 20.30
CA ARG A 68 6.12 -10.79 21.32
C ARG A 68 7.42 -11.56 21.49
N ASP A 69 7.35 -12.89 21.45
CA ASP A 69 8.52 -13.71 21.71
C ASP A 69 9.51 -13.61 20.57
N VAL A 70 9.02 -13.72 19.33
CA VAL A 70 9.89 -13.63 18.16
C VAL A 70 10.52 -12.24 18.07
N SER A 71 9.79 -11.19 18.49
CA SER A 71 10.36 -9.85 18.47
C SER A 71 11.45 -9.68 19.52
N LYS A 72 11.36 -10.41 20.64
CA LYS A 72 12.37 -10.36 21.69
C LYS A 72 13.60 -11.20 21.35
N GLU A 73 13.57 -11.96 20.24
CA GLU A 73 14.74 -12.71 19.81
C GLU A 73 15.79 -11.75 19.27
N ASP A 74 17.04 -12.23 19.24
CA ASP A 74 18.16 -11.45 18.73
C ASP A 74 18.37 -11.81 17.27
N HIS A 75 18.02 -10.88 16.39
CA HIS A 75 18.04 -11.04 14.94
C HIS A 75 19.30 -10.45 14.29
N SER A 76 20.35 -10.23 15.06
CA SER A 76 21.53 -9.53 14.56
C SER A 76 22.16 -10.24 13.36
N LYS A 77 22.16 -11.56 13.36
CA LYS A 77 22.79 -12.29 12.27
C LYS A 77 21.87 -12.51 11.07
N ARG A 78 20.65 -11.99 11.11
CA ARG A 78 19.65 -12.24 10.07
C ARG A 78 19.43 -10.98 9.25
N SER A 79 19.01 -11.17 7.99
CA SER A 79 18.86 -10.09 7.03
C SER A 79 17.48 -9.44 7.09
N SER A 80 16.43 -10.24 7.15
CA SER A 80 15.07 -9.75 7.09
C SER A 80 14.22 -10.55 8.06
N PHE A 81 12.91 -10.33 7.99
CA PHE A 81 11.94 -11.05 8.79
C PHE A 81 10.67 -11.17 7.97
N VAL A 82 10.01 -12.32 8.06
CA VAL A 82 8.78 -12.60 7.30
C VAL A 82 7.73 -13.17 8.24
N CYS A 83 6.50 -12.69 8.13
CA CYS A 83 5.36 -13.23 8.85
C CYS A 83 4.23 -13.41 7.85
N VAL A 84 3.64 -14.61 7.83
CA VAL A 84 2.48 -14.94 7.01
C VAL A 84 1.30 -15.24 7.93
N LEU A 85 0.20 -14.54 7.72
CA LEU A 85 -1.03 -14.77 8.47
C LEU A 85 -2.07 -15.37 7.53
N LEU A 86 -2.61 -16.54 7.88
CA LEU A 86 -3.66 -17.18 7.11
C LEU A 86 -4.85 -17.41 8.04
N SER A 87 -5.93 -16.67 7.82
CA SER A 87 -7.08 -16.73 8.71
C SER A 87 -8.21 -15.91 8.10
N HIS A 88 -9.33 -15.83 8.82
CA HIS A 88 -10.37 -14.86 8.51
C HIS A 88 -9.90 -13.46 8.93
N GLY A 89 -10.65 -12.45 8.51
CA GLY A 89 -10.30 -11.14 9.01
C GLY A 89 -11.29 -10.09 8.58
N GLU A 90 -10.96 -8.86 8.97
CA GLU A 90 -11.65 -7.66 8.55
C GLU A 90 -10.60 -6.58 8.42
N GLU A 91 -10.99 -5.43 7.87
CA GLU A 91 -10.07 -4.31 7.72
C GLU A 91 -9.29 -4.06 9.01
N GLY A 92 -7.97 -4.31 8.97
CA GLY A 92 -7.07 -4.14 10.09
C GLY A 92 -7.10 -5.24 11.13
N ILE A 93 -7.86 -6.30 10.91
CA ILE A 93 -8.09 -7.33 11.92
C ILE A 93 -7.84 -8.70 11.31
N ILE A 94 -7.04 -9.50 11.99
CA ILE A 94 -6.82 -10.91 11.69
C ILE A 94 -7.48 -11.71 12.80
N PHE A 95 -7.92 -12.93 12.48
CA PHE A 95 -8.64 -13.75 13.44
C PHE A 95 -7.76 -14.86 14.02
N GLY A 96 -7.55 -14.80 15.34
CA GLY A 96 -7.20 -15.99 16.10
C GLY A 96 -8.36 -16.97 16.12
N THR A 97 -8.07 -18.21 16.55
CA THR A 97 -9.11 -19.23 16.50
C THR A 97 -10.29 -18.90 17.40
N ASN A 98 -10.10 -18.02 18.38
CA ASN A 98 -11.15 -17.65 19.32
C ASN A 98 -11.61 -16.21 19.17
N GLY A 99 -11.16 -15.47 18.17
CA GLY A 99 -11.59 -14.11 18.01
C GLY A 99 -10.58 -13.15 17.41
N PRO A 100 -11.02 -11.90 17.23
CA PRO A 100 -10.23 -10.94 16.45
C PRO A 100 -9.10 -10.29 17.24
N VAL A 101 -8.02 -9.95 16.51
CA VAL A 101 -6.92 -9.17 17.07
C VAL A 101 -6.41 -8.19 16.02
N ASP A 102 -6.27 -6.92 16.41
CA ASP A 102 -5.75 -5.88 15.53
C ASP A 102 -4.40 -6.27 14.94
N LEU A 103 -4.23 -5.98 13.65
CA LEU A 103 -2.92 -6.19 13.02
C LEU A 103 -1.86 -5.29 13.64
N LYS A 104 -2.22 -4.04 13.94
CA LYS A 104 -1.28 -3.15 14.60
C LYS A 104 -0.72 -3.76 15.88
N LYS A 105 -1.53 -4.54 16.60
CA LYS A 105 -1.03 -5.16 17.83
C LYS A 105 0.15 -6.06 17.53
N ILE A 106 0.07 -6.84 16.45
CA ILE A 106 1.14 -7.74 16.07
C ILE A 106 2.34 -7.00 15.47
N THR A 107 2.09 -6.01 14.61
CA THR A 107 3.21 -5.38 13.93
C THR A 107 3.95 -4.37 14.80
N ASN A 108 3.28 -3.79 15.82
CA ASN A 108 4.00 -2.87 16.70
C ASN A 108 5.15 -3.57 17.42
N PHE A 109 5.06 -4.88 17.63
CA PHE A 109 6.17 -5.62 18.23
C PHE A 109 7.46 -5.47 17.44
N PHE A 110 7.38 -5.27 16.13
CA PHE A 110 8.58 -5.25 15.32
C PHE A 110 8.99 -3.84 14.94
N ARG A 111 8.32 -2.84 15.50
CA ARG A 111 8.61 -1.45 15.14
C ARG A 111 10.09 -1.17 15.35
N GLY A 112 10.62 -0.24 14.55
CA GLY A 112 12.03 0.05 14.54
C GLY A 112 12.68 0.27 15.90
N ASP A 113 11.90 0.60 16.94
CA ASP A 113 12.42 0.92 18.28
C ASP A 113 12.09 -0.12 19.35
N ARG A 114 11.32 -1.15 19.02
CA ARG A 114 10.96 -2.21 19.96
C ARG A 114 11.62 -3.53 19.62
N CYS A 115 12.14 -3.66 18.41
CA CYS A 115 12.94 -4.79 17.98
C CYS A 115 14.18 -4.19 17.32
N ARG A 116 15.13 -3.77 18.15
CA ARG A 116 16.31 -3.05 17.67
C ARG A 116 17.25 -3.91 16.84
N SER A 117 17.22 -5.24 16.99
CA SER A 117 18.00 -6.08 16.08
C SER A 117 17.42 -6.15 14.67
N LEU A 118 16.22 -5.60 14.43
CA LEU A 118 15.61 -5.62 13.11
C LEU A 118 15.53 -4.24 12.50
N THR A 119 16.09 -3.23 13.17
CA THR A 119 16.10 -1.87 12.65
C THR A 119 16.89 -1.79 11.36
N GLY A 120 16.32 -1.10 10.36
CA GLY A 120 16.91 -0.95 9.05
C GLY A 120 16.85 -2.18 8.16
N LYS A 121 16.15 -3.23 8.58
CA LYS A 121 16.00 -4.47 7.83
C LYS A 121 14.54 -4.63 7.45
N PRO A 122 14.26 -5.27 6.31
CA PRO A 122 12.87 -5.34 5.82
C PRO A 122 12.03 -6.30 6.64
N LYS A 123 10.83 -5.85 7.00
CA LYS A 123 9.85 -6.60 7.79
C LYS A 123 8.67 -6.95 6.88
N LEU A 124 8.59 -8.19 6.47
CA LEU A 124 7.59 -8.64 5.50
C LEU A 124 6.36 -9.21 6.20
N PHE A 125 5.19 -8.67 5.87
CA PHE A 125 3.95 -9.21 6.43
C PHE A 125 3.02 -9.59 5.29
N ILE A 126 2.75 -10.89 5.16
CA ILE A 126 1.92 -11.44 4.09
C ILE A 126 0.61 -11.89 4.74
N ILE A 127 -0.49 -11.20 4.42
CA ILE A 127 -1.78 -11.40 5.10
C ILE A 127 -2.81 -11.93 4.10
N GLN A 128 -3.20 -13.21 4.27
CA GLN A 128 -4.30 -13.88 3.57
C GLN A 128 -5.52 -13.83 4.49
N ALA A 129 -6.39 -12.84 4.30
CA ALA A 129 -7.52 -12.63 5.17
C ALA A 129 -8.46 -11.64 4.51
N CYS A 130 -9.74 -11.75 4.83
CA CYS A 130 -10.71 -10.81 4.30
C CYS A 130 -10.49 -9.44 4.93
N ARG A 131 -10.84 -8.39 4.19
CA ARG A 131 -10.69 -7.03 4.67
C ARG A 131 -12.04 -6.32 4.73
N GLY A 132 -13.12 -7.07 4.88
CA GLY A 132 -14.46 -6.58 4.66
C GLY A 132 -15.25 -7.51 3.76
N THR A 133 -16.44 -7.06 3.35
CA THR A 133 -17.42 -7.92 2.72
C THR A 133 -17.87 -7.36 1.37
N GLU A 134 -16.98 -6.67 0.68
CA GLU A 134 -17.32 -6.13 -0.63
C GLU A 134 -16.92 -7.10 -1.73
N LEU A 135 -17.67 -7.08 -2.82
CA LEU A 135 -17.46 -7.98 -3.95
C LEU A 135 -17.05 -7.18 -5.17
N ASP A 136 -15.95 -7.59 -5.79
CA ASP A 136 -15.48 -7.01 -7.05
C ASP A 136 -16.15 -7.75 -8.19
N CYS A 137 -17.11 -7.11 -8.86
N CYS A 137 -17.12 -7.09 -8.84
CA CYS A 137 -17.81 -7.79 -9.94
CA CYS A 137 -17.84 -7.69 -9.96
C CYS A 137 -17.01 -7.80 -11.24
C CYS A 137 -16.93 -7.89 -11.17
N GLY A 138 -15.95 -7.02 -11.34
CA GLY A 138 -15.06 -7.09 -12.48
C GLY A 138 -15.60 -6.39 -13.70
N ILE A 139 -14.71 -6.18 -14.67
CA ILE A 139 -15.05 -5.57 -15.94
C ILE A 139 -14.36 -6.37 -17.03
N GLU A 140 -15.08 -6.64 -18.11
CA GLU A 140 -14.64 -7.60 -19.11
C GLU A 140 -13.62 -6.96 -20.06
N THR A 141 -12.65 -7.76 -20.50
CA THR A 141 -11.61 -7.29 -21.41
C THR A 141 -11.76 -7.86 -22.82
N HIS B 2 20.76 11.47 12.83
CA HIS B 2 20.47 10.24 12.11
C HIS B 2 19.41 9.38 12.81
N LYS B 3 18.15 9.70 12.56
CA LYS B 3 17.01 8.89 12.98
C LYS B 3 16.25 8.42 11.75
N ILE B 4 15.58 7.28 11.88
CA ILE B 4 14.64 6.81 10.86
C ILE B 4 13.28 6.67 11.52
N PRO B 5 12.20 6.63 10.73
CA PRO B 5 10.88 6.40 11.32
C PRO B 5 10.77 4.98 11.87
N VAL B 6 10.03 4.83 12.98
CA VAL B 6 9.80 3.49 13.51
C VAL B 6 8.89 2.69 12.59
N GLU B 7 8.13 3.34 11.74
CA GLU B 7 7.27 2.66 10.75
C GLU B 7 8.01 2.35 9.46
N ALA B 8 9.28 2.78 9.33
CA ALA B 8 10.07 2.53 8.14
C ALA B 8 10.37 1.04 7.99
N ASP B 9 10.63 0.63 6.74
CA ASP B 9 11.12 -0.69 6.36
C ASP B 9 10.13 -1.83 6.65
N PHE B 10 8.85 -1.52 6.86
CA PHE B 10 7.77 -2.51 6.83
C PHE B 10 7.20 -2.65 5.41
N LEU B 11 6.77 -3.87 5.06
CA LEU B 11 6.03 -4.11 3.82
C LEU B 11 4.86 -5.03 4.12
N TYR B 12 3.69 -4.66 3.63
CA TYR B 12 2.44 -5.40 3.84
C TYR B 12 1.94 -5.87 2.49
N ALA B 13 1.99 -7.18 2.26
CA ALA B 13 1.45 -7.80 1.06
C ALA B 13 0.09 -8.36 1.41
N TYR B 14 -0.98 -7.61 1.09
CA TYR B 14 -2.36 -8.01 1.33
C TYR B 14 -2.92 -8.81 0.15
N SER B 15 -3.62 -9.88 0.47
CA SER B 15 -4.27 -10.70 -0.56
C SER B 15 -5.30 -9.91 -1.38
N THR B 16 -5.88 -8.84 -0.83
CA THR B 16 -6.99 -8.19 -1.50
C THR B 16 -7.03 -6.70 -1.13
N ALA B 17 -7.87 -5.94 -1.85
CA ALA B 17 -8.02 -4.51 -1.68
C ALA B 17 -8.77 -4.19 -0.39
N PRO B 18 -8.53 -3.01 0.21
CA PRO B 18 -9.23 -2.64 1.46
C PRO B 18 -10.74 -2.71 1.30
N GLY B 19 -11.40 -3.29 2.32
CA GLY B 19 -12.85 -3.43 2.28
C GLY B 19 -13.40 -4.65 1.55
N TYR B 20 -12.54 -5.53 1.01
CA TYR B 20 -12.96 -6.60 0.11
C TYR B 20 -12.77 -7.99 0.71
N TYR B 21 -13.65 -8.90 0.33
CA TYR B 21 -13.44 -10.33 0.54
C TYR B 21 -12.12 -10.79 -0.03
N SER B 22 -11.64 -11.94 0.43
CA SER B 22 -10.52 -12.64 -0.17
C SER B 22 -10.96 -14.06 -0.48
N TRP B 23 -10.60 -14.56 -1.64
CA TRP B 23 -11.16 -15.80 -2.15
C TRP B 23 -10.17 -16.94 -1.98
N ARG B 24 -10.68 -18.11 -1.61
CA ARG B 24 -9.89 -19.31 -1.37
C ARG B 24 -10.52 -20.49 -2.09
N ASN B 25 -9.67 -21.29 -2.73
CA ASN B 25 -10.08 -22.55 -3.32
C ASN B 25 -9.83 -23.67 -2.31
N SER B 26 -10.86 -24.50 -2.05
CA SER B 26 -10.77 -25.46 -0.97
C SER B 26 -9.85 -26.64 -1.26
N LYS B 27 -9.43 -26.84 -2.51
CA LYS B 27 -8.47 -27.90 -2.80
C LYS B 27 -7.05 -27.38 -3.02
N ASP B 28 -6.87 -26.26 -3.74
CA ASP B 28 -5.53 -25.83 -4.13
C ASP B 28 -5.01 -24.64 -3.32
N GLY B 29 -5.85 -24.05 -2.47
CA GLY B 29 -5.44 -22.94 -1.63
C GLY B 29 -5.99 -21.62 -2.12
N SER B 30 -5.63 -20.56 -1.39
CA SER B 30 -6.12 -19.22 -1.75
C SER B 30 -5.44 -18.73 -3.03
N TRP B 31 -6.15 -17.85 -3.75
CA TRP B 31 -5.62 -17.34 -5.01
C TRP B 31 -4.28 -16.63 -4.81
N PHE B 32 -4.20 -15.82 -3.76
CA PHE B 32 -3.02 -15.02 -3.48
C PHE B 32 -1.81 -15.89 -3.12
N ILE B 33 -1.91 -16.69 -2.05
CA ILE B 33 -0.76 -17.50 -1.64
C ILE B 33 -0.29 -18.37 -2.79
N GLN B 34 -1.23 -18.93 -3.53
CA GLN B 34 -0.92 -19.81 -4.65
C GLN B 34 -0.26 -19.05 -5.80
N SER B 35 -0.71 -17.81 -6.06
CA SER B 35 -0.04 -16.97 -7.07
C SER B 35 1.30 -16.46 -6.59
N LEU B 36 1.39 -16.11 -5.29
CA LEU B 36 2.63 -15.60 -4.69
C LEU B 36 3.73 -16.65 -4.67
N CYS B 37 3.40 -17.90 -4.34
CA CYS B 37 4.41 -18.94 -4.39
C CYS B 37 4.84 -19.23 -5.82
N ALA B 38 3.89 -19.19 -6.77
CA ALA B 38 4.22 -19.45 -8.16
C ALA B 38 5.13 -18.36 -8.73
N MET B 39 4.90 -17.11 -8.36
CA MET B 39 5.75 -16.03 -8.85
C MET B 39 7.08 -16.01 -8.12
N LEU B 40 7.08 -16.32 -6.81
CA LEU B 40 8.34 -16.36 -6.07
C LEU B 40 9.24 -17.52 -6.53
N LYS B 41 8.65 -18.63 -7.00
CA LYS B 41 9.47 -19.71 -7.51
C LYS B 41 10.03 -19.37 -8.89
N GLN B 42 9.29 -18.60 -9.68
CA GLN B 42 9.78 -18.30 -11.02
C GLN B 42 10.76 -17.13 -11.04
N TYR B 43 10.60 -16.14 -10.14
CA TYR B 43 11.27 -14.86 -10.33
C TYR B 43 12.13 -14.40 -9.15
N ALA B 44 12.28 -15.21 -8.09
CA ALA B 44 13.04 -14.74 -6.94
C ALA B 44 14.52 -14.56 -7.27
N ASP B 45 15.04 -15.30 -8.23
CA ASP B 45 16.43 -15.13 -8.63
C ASP B 45 16.60 -14.11 -9.75
N LYS B 46 15.55 -13.36 -10.08
CA LYS B 46 15.55 -12.52 -11.27
C LYS B 46 14.99 -11.12 -11.07
N LEU B 47 14.05 -10.89 -10.15
CA LEU B 47 13.36 -9.62 -10.08
C LEU B 47 13.32 -9.10 -8.66
N GLU B 48 13.36 -7.78 -8.52
CA GLU B 48 13.18 -7.15 -7.22
C GLU B 48 11.76 -7.42 -6.70
N PHE B 49 11.66 -7.57 -5.37
CA PHE B 49 10.44 -8.09 -4.76
C PHE B 49 9.20 -7.29 -5.14
N MET B 50 9.29 -5.96 -5.29
CA MET B 50 8.13 -5.21 -5.75
C MET B 50 7.66 -5.67 -7.13
N HIS B 51 8.59 -6.06 -8.00
CA HIS B 51 8.16 -6.54 -9.31
C HIS B 51 7.66 -7.97 -9.25
N ILE B 52 8.13 -8.77 -8.30
CA ILE B 52 7.49 -10.06 -8.12
C ILE B 52 6.06 -9.88 -7.64
N LEU B 53 5.86 -8.95 -6.70
CA LEU B 53 4.52 -8.68 -6.19
C LEU B 53 3.59 -8.13 -7.27
N THR B 54 4.12 -7.30 -8.20
CA THR B 54 3.29 -6.83 -9.31
C THR B 54 2.82 -7.98 -10.18
N ARG B 55 3.69 -8.95 -10.48
CA ARG B 55 3.26 -10.14 -11.21
C ARG B 55 2.25 -10.96 -10.43
N VAL B 56 2.31 -10.94 -9.10
CA VAL B 56 1.29 -11.63 -8.31
C VAL B 56 -0.06 -10.95 -8.49
N ASN B 57 -0.04 -9.59 -8.52
CA ASN B 57 -1.26 -8.83 -8.81
C ASN B 57 -1.85 -9.22 -10.16
N ARG B 58 -1.00 -9.26 -11.19
CA ARG B 58 -1.46 -9.61 -12.52
C ARG B 58 -2.07 -11.01 -12.53
N LYS B 59 -1.37 -11.98 -11.97
CA LYS B 59 -1.85 -13.36 -11.96
C LYS B 59 -3.18 -13.50 -11.23
N VAL B 60 -3.32 -12.88 -10.05
CA VAL B 60 -4.57 -13.02 -9.30
C VAL B 60 -5.70 -12.33 -10.05
N ALA B 61 -5.43 -11.13 -10.59
CA ALA B 61 -6.45 -10.35 -11.28
C ALA B 61 -6.94 -11.01 -12.57
N THR B 62 -6.09 -11.75 -13.27
CA THR B 62 -6.43 -12.23 -14.59
C THR B 62 -6.82 -13.70 -14.62
N GLU B 63 -6.30 -14.53 -13.71
CA GLU B 63 -6.43 -15.97 -13.82
C GLU B 63 -7.46 -16.57 -12.91
N PHE B 64 -8.19 -15.77 -12.13
CA PHE B 64 -9.03 -16.30 -11.06
C PHE B 64 -10.39 -15.62 -11.12
N GLU B 65 -11.43 -16.39 -10.84
CA GLU B 65 -12.79 -15.89 -10.89
C GLU B 65 -13.66 -16.86 -10.07
N SER B 66 -14.48 -16.33 -9.19
CA SER B 66 -15.13 -17.19 -8.22
C SER B 66 -16.26 -17.98 -8.85
N PHE B 67 -16.63 -19.09 -8.20
CA PHE B 67 -17.71 -19.95 -8.64
C PHE B 67 -18.68 -20.13 -7.47
N SER B 68 -19.96 -19.94 -7.73
CA SER B 68 -20.97 -20.04 -6.69
C SER B 68 -22.29 -20.40 -7.35
N PHE B 69 -23.05 -21.30 -6.72
CA PHE B 69 -24.43 -21.47 -7.17
C PHE B 69 -25.24 -20.21 -6.89
N ASP B 70 -24.92 -19.53 -5.79
CA ASP B 70 -25.53 -18.25 -5.46
C ASP B 70 -24.96 -17.16 -6.38
N ALA B 71 -25.83 -16.52 -7.18
CA ALA B 71 -25.36 -15.55 -8.15
C ALA B 71 -24.71 -14.33 -7.49
N THR B 72 -25.07 -14.00 -6.24
CA THR B 72 -24.44 -12.86 -5.58
C THR B 72 -22.94 -13.04 -5.46
N PHE B 73 -22.47 -14.28 -5.38
CA PHE B 73 -21.06 -14.58 -5.17
C PHE B 73 -20.41 -15.25 -6.39
N HIS B 74 -21.06 -15.20 -7.54
CA HIS B 74 -20.52 -15.87 -8.71
C HIS B 74 -19.78 -14.89 -9.62
N ALA B 75 -18.73 -15.41 -10.27
CA ALA B 75 -17.99 -14.65 -11.29
C ALA B 75 -17.34 -13.39 -10.72
N LYS B 76 -16.89 -13.44 -9.45
CA LYS B 76 -16.26 -12.33 -8.75
C LYS B 76 -14.74 -12.40 -8.85
N LYS B 77 -14.10 -11.25 -8.66
CA LYS B 77 -12.68 -11.05 -8.94
C LYS B 77 -11.96 -10.48 -7.72
N GLN B 78 -10.64 -10.31 -7.85
CA GLN B 78 -9.78 -9.95 -6.73
C GLN B 78 -8.51 -9.27 -7.25
N ILE B 79 -8.08 -8.22 -6.54
CA ILE B 79 -6.77 -7.62 -6.80
C ILE B 79 -6.05 -7.55 -5.47
N PRO B 80 -4.84 -8.10 -5.36
CA PRO B 80 -4.06 -7.91 -4.13
C PRO B 80 -3.62 -6.46 -4.00
N CYS B 81 -3.03 -6.15 -2.86
CA CYS B 81 -2.74 -4.76 -2.51
C CYS B 81 -1.39 -4.71 -1.81
N ILE B 82 -0.37 -4.18 -2.49
CA ILE B 82 0.97 -4.06 -1.92
C ILE B 82 1.05 -2.75 -1.16
N VAL B 83 1.42 -2.80 0.13
CA VAL B 83 1.58 -1.62 0.99
C VAL B 83 3.02 -1.57 1.46
N SER B 84 3.80 -0.64 0.90
CA SER B 84 5.24 -0.61 1.10
C SER B 84 5.66 0.64 1.85
N MET B 85 6.29 0.44 3.01
CA MET B 85 7.08 1.47 3.68
C MET B 85 8.57 1.18 3.57
N LEU B 86 8.96 0.33 2.64
CA LEU B 86 10.37 0.04 2.44
C LEU B 86 11.13 1.28 1.98
N THR B 87 12.39 1.37 2.40
CA THR B 87 13.28 2.47 2.02
C THR B 87 14.34 2.03 1.03
N LYS B 88 14.31 0.78 0.59
CA LYS B 88 15.33 0.26 -0.32
C LYS B 88 14.74 -0.82 -1.19
N GLU B 89 15.53 -1.29 -2.15
CA GLU B 89 15.14 -2.41 -3.00
C GLU B 89 15.48 -3.71 -2.29
N LEU B 90 14.71 -4.75 -2.61
CA LEU B 90 14.80 -6.03 -1.92
C LEU B 90 15.03 -7.12 -2.94
N TYR B 91 16.20 -7.77 -2.87
CA TYR B 91 16.52 -8.90 -3.72
C TYR B 91 16.84 -10.10 -2.86
N PHE B 92 16.41 -11.28 -3.33
CA PHE B 92 16.64 -12.54 -2.62
C PHE B 92 17.88 -13.29 -3.10
N TYR B 93 18.56 -12.79 -4.12
CA TYR B 93 19.82 -13.39 -4.55
C TYR B 93 20.98 -12.46 -4.21
N ASN C 2 6.95 -7.58 -17.78
CA ASN C 2 5.91 -6.98 -18.61
C ASN C 2 5.37 -5.67 -17.99
N SER C 3 5.08 -4.68 -18.83
CA SER C 3 4.78 -3.34 -18.35
C SER C 3 3.65 -2.69 -19.14
N TYR C 4 3.11 -1.63 -18.55
CA TYR C 4 2.02 -0.86 -19.14
C TYR C 4 2.47 -0.22 -20.44
N LYS C 5 1.57 -0.23 -21.43
CA LYS C 5 1.78 0.50 -22.67
C LYS C 5 1.73 2.01 -22.39
N MET C 6 2.83 2.70 -22.67
CA MET C 6 3.00 4.12 -22.36
C MET C 6 3.20 4.96 -23.62
N ASP C 7 3.07 4.36 -24.80
CA ASP C 7 3.28 5.05 -26.07
C ASP C 7 1.97 5.29 -26.84
N TYR C 8 0.90 5.58 -26.10
CA TYR C 8 -0.32 6.11 -26.68
C TYR C 8 0.01 7.47 -27.29
N PRO C 9 -0.89 8.07 -28.08
CA PRO C 9 -0.60 9.44 -28.57
C PRO C 9 -0.28 10.45 -27.46
N GLU C 10 -0.85 10.28 -26.26
CA GLU C 10 -0.68 11.22 -25.16
C GLU C 10 -0.44 10.46 -23.85
N MET C 11 0.33 11.07 -22.94
CA MET C 11 0.57 10.41 -21.66
C MET C 11 -0.69 10.38 -20.82
N GLY C 12 -1.35 11.52 -20.68
CA GLY C 12 -2.64 11.59 -20.05
C GLY C 12 -2.81 12.89 -19.31
N LEU C 13 -3.90 12.97 -18.56
CA LEU C 13 -4.14 14.12 -17.71
C LEU C 13 -3.35 14.01 -16.41
N CYS C 14 -2.96 15.18 -15.89
CA CYS C 14 -2.50 15.29 -14.52
C CYS C 14 -3.32 16.39 -13.84
N ILE C 15 -4.15 16.02 -12.88
CA ILE C 15 -5.01 16.96 -12.18
C ILE C 15 -4.38 17.28 -10.84
N ILE C 16 -4.02 18.55 -10.63
CA ILE C 16 -3.45 19.01 -9.37
C ILE C 16 -4.50 19.87 -8.68
N ILE C 17 -5.04 19.35 -7.59
CA ILE C 17 -5.99 20.07 -6.74
C ILE C 17 -5.23 20.57 -5.52
N ASN C 18 -5.04 21.88 -5.44
CA ASN C 18 -4.16 22.52 -4.46
C ASN C 18 -5.01 23.41 -3.55
N ASN C 19 -5.33 22.93 -2.35
CA ASN C 19 -6.17 23.67 -1.40
C ASN C 19 -5.30 24.28 -0.31
N LYS C 20 -5.21 25.61 -0.30
CA LYS C 20 -4.43 26.39 0.64
C LYS C 20 -5.28 27.05 1.70
N ASN C 21 -6.36 27.72 1.30
CA ASN C 21 -7.15 28.54 2.20
C ASN C 21 -8.50 27.90 2.46
N PHE C 22 -8.84 27.76 3.75
CA PHE C 22 -9.97 26.97 4.21
C PHE C 22 -10.97 27.84 4.95
N HIS C 23 -12.25 27.60 4.68
CA HIS C 23 -13.35 28.24 5.38
C HIS C 23 -13.11 28.24 6.88
N LYS C 24 -13.38 29.39 7.52
CA LYS C 24 -13.34 29.47 8.97
C LYS C 24 -14.27 28.44 9.61
N SER C 25 -15.29 28.00 8.88
CA SER C 25 -16.21 26.99 9.38
C SER C 25 -15.50 25.69 9.71
N THR C 26 -14.46 25.34 8.94
CA THR C 26 -13.70 24.12 9.22
C THR C 26 -12.75 24.27 10.41
N GLY C 27 -12.33 25.49 10.73
CA GLY C 27 -11.24 25.66 11.69
C GLY C 27 -9.95 24.99 11.26
N MET C 28 -9.70 24.92 9.96
CA MET C 28 -8.45 24.40 9.42
C MET C 28 -7.57 25.59 9.05
N THR C 29 -6.29 25.50 9.40
CA THR C 29 -5.38 26.61 9.13
C THR C 29 -4.92 26.58 7.67
N SER C 30 -4.54 27.75 7.18
CA SER C 30 -4.10 27.95 5.80
C SER C 30 -2.76 27.27 5.54
N ARG C 31 -2.70 26.43 4.51
CA ARG C 31 -1.57 25.51 4.33
C ARG C 31 -0.42 26.21 3.63
N SER C 32 0.27 27.06 4.39
CA SER C 32 1.44 27.77 3.90
C SER C 32 2.45 26.84 3.25
N GLY C 33 2.95 27.23 2.07
CA GLY C 33 3.93 26.44 1.36
C GLY C 33 3.36 25.52 0.30
N THR C 34 2.04 25.29 0.31
CA THR C 34 1.47 24.35 -0.65
C THR C 34 1.59 24.87 -2.09
N ASP C 35 1.67 26.20 -2.24
CA ASP C 35 1.82 26.78 -3.58
C ASP C 35 3.15 26.36 -4.20
N VAL C 36 4.20 26.28 -3.39
CA VAL C 36 5.49 25.81 -3.89
C VAL C 36 5.36 24.36 -4.36
N ASP C 37 4.61 23.54 -3.63
CA ASP C 37 4.46 22.15 -4.05
C ASP C 37 3.70 22.08 -5.36
N ALA C 38 2.63 22.87 -5.49
CA ALA C 38 1.81 22.84 -6.70
C ALA C 38 2.61 23.27 -7.92
N ALA C 39 3.40 24.34 -7.80
CA ALA C 39 4.25 24.77 -8.90
C ALA C 39 5.27 23.71 -9.26
N ASN C 40 5.89 23.09 -8.26
CA ASN C 40 6.92 22.10 -8.53
C ASN C 40 6.34 20.88 -9.22
N LEU C 41 5.14 20.47 -8.80
CA LEU C 41 4.48 19.35 -9.46
C LEU C 41 4.08 19.70 -10.89
N ARG C 42 3.73 20.97 -11.14
CA ARG C 42 3.37 21.38 -12.49
C ARG C 42 4.54 21.17 -13.44
N GLU C 43 5.72 21.67 -13.10
CA GLU C 43 6.87 21.48 -13.99
C GLU C 43 7.27 20.01 -14.07
N THR C 44 7.25 19.29 -12.93
CA THR C 44 7.64 17.89 -12.93
C THR C 44 6.80 17.10 -13.94
N PHE C 45 5.47 17.26 -13.89
CA PHE C 45 4.63 16.42 -14.75
C PHE C 45 4.54 16.95 -16.19
N ARG C 46 4.72 18.25 -16.39
CA ARG C 46 4.94 18.75 -17.74
C ARG C 46 6.14 18.06 -18.38
N ASN C 47 7.27 18.01 -17.67
CA ASN C 47 8.47 17.37 -18.22
C ASN C 47 8.29 15.88 -18.46
N LEU C 48 7.30 15.26 -17.82
CA LEU C 48 6.93 13.89 -18.10
C LEU C 48 5.86 13.81 -19.18
N LYS C 49 5.64 14.93 -19.88
CA LYS C 49 4.80 15.02 -21.08
C LYS C 49 3.30 14.80 -20.77
N TYR C 50 2.88 15.13 -19.54
CA TYR C 50 1.47 15.14 -19.15
C TYR C 50 0.79 16.45 -19.56
N GLU C 51 -0.53 16.36 -19.77
CA GLU C 51 -1.40 17.52 -19.83
C GLU C 51 -1.79 17.89 -18.41
N VAL C 52 -1.19 18.93 -17.86
CA VAL C 52 -1.36 19.30 -16.46
C VAL C 52 -2.41 20.39 -16.36
N ARG C 53 -3.37 20.20 -15.47
CA ARG C 53 -4.36 21.21 -15.11
C ARG C 53 -4.21 21.48 -13.61
N ASN C 54 -4.00 22.74 -13.26
CA ASN C 54 -3.92 23.15 -11.85
C ASN C 54 -5.26 23.71 -11.42
N LYS C 55 -5.78 23.22 -10.31
CA LYS C 55 -6.94 23.80 -9.69
C LYS C 55 -6.56 24.23 -8.27
N ASN C 56 -7.18 25.31 -7.80
CA ASN C 56 -6.85 25.90 -6.52
C ASN C 56 -8.12 26.15 -5.73
N ASP C 57 -8.04 25.89 -4.42
CA ASP C 57 -9.10 26.16 -3.45
C ASP C 57 -10.49 25.75 -3.95
N LEU C 58 -10.70 24.44 -4.12
CA LEU C 58 -12.00 23.90 -4.52
C LEU C 58 -12.75 23.39 -3.29
N THR C 59 -14.04 23.67 -3.22
CA THR C 59 -14.86 23.06 -2.17
C THR C 59 -14.94 21.55 -2.43
N ARG C 60 -15.52 20.82 -1.49
CA ARG C 60 -15.76 19.40 -1.74
C ARG C 60 -16.74 19.19 -2.90
N GLU C 61 -17.79 20.02 -2.99
CA GLU C 61 -18.70 19.90 -4.13
C GLU C 61 -17.96 20.07 -5.44
N GLU C 62 -17.02 21.04 -5.51
CA GLU C 62 -16.30 21.29 -6.76
C GLU C 62 -15.33 20.17 -7.06
N ILE C 63 -14.78 19.53 -6.04
CA ILE C 63 -13.89 18.38 -6.24
C ILE C 63 -14.66 17.22 -6.84
N VAL C 64 -15.86 16.94 -6.30
CA VAL C 64 -16.69 15.85 -6.80
C VAL C 64 -17.08 16.09 -8.25
N GLU C 65 -17.51 17.32 -8.56
CA GLU C 65 -17.95 17.66 -9.91
C GLU C 65 -16.80 17.56 -10.90
N LEU C 66 -15.64 18.09 -10.55
CA LEU C 66 -14.54 18.09 -11.51
C LEU C 66 -14.02 16.67 -11.77
N MET C 67 -13.92 15.86 -10.71
CA MET C 67 -13.45 14.49 -10.89
C MET C 67 -14.47 13.64 -11.66
N ARG C 68 -15.76 13.82 -11.39
CA ARG C 68 -16.76 13.12 -12.19
C ARG C 68 -16.70 13.56 -13.65
N ASP C 69 -16.54 14.86 -13.90
CA ASP C 69 -16.36 15.35 -15.27
C ASP C 69 -15.15 14.73 -15.93
N VAL C 70 -13.99 14.81 -15.27
CA VAL C 70 -12.76 14.26 -15.83
C VAL C 70 -12.88 12.75 -16.07
N SER C 71 -13.67 12.05 -15.26
CA SER C 71 -13.84 10.62 -15.51
C SER C 71 -14.70 10.36 -16.75
N LYS C 72 -15.58 11.30 -17.12
CA LYS C 72 -16.43 11.16 -18.31
C LYS C 72 -15.72 11.52 -19.61
N GLU C 73 -14.54 12.13 -19.56
CA GLU C 73 -13.82 12.41 -20.80
C GLU C 73 -13.38 11.11 -21.45
N ASP C 74 -13.07 11.18 -22.74
CA ASP C 74 -12.56 10.04 -23.48
C ASP C 74 -11.06 10.03 -23.33
N HIS C 75 -10.54 9.06 -22.57
CA HIS C 75 -9.11 8.88 -22.39
C HIS C 75 -8.52 7.88 -23.36
N SER C 76 -9.25 7.55 -24.43
CA SER C 76 -8.83 6.49 -25.35
C SER C 76 -7.43 6.74 -25.93
N LYS C 77 -7.09 8.00 -26.22
CA LYS C 77 -5.77 8.38 -26.74
C LYS C 77 -4.69 8.54 -25.68
N ARG C 78 -5.01 8.32 -24.40
CA ARG C 78 -4.08 8.58 -23.31
C ARG C 78 -3.58 7.28 -22.68
N SER C 79 -2.34 7.31 -22.16
CA SER C 79 -1.72 6.11 -21.59
C SER C 79 -2.09 5.89 -20.13
N SER C 80 -2.43 6.96 -19.42
CA SER C 80 -2.53 6.91 -17.98
C SER C 80 -3.32 8.12 -17.52
N PHE C 81 -3.57 8.17 -16.21
CA PHE C 81 -4.23 9.29 -15.54
C PHE C 81 -3.49 9.53 -14.26
N VAL C 82 -3.26 10.80 -13.91
CA VAL C 82 -2.63 11.16 -12.64
C VAL C 82 -3.49 12.22 -11.97
N CYS C 83 -3.80 12.01 -10.68
CA CYS C 83 -4.47 13.00 -9.86
C CYS C 83 -3.64 13.27 -8.62
N VAL C 84 -3.36 14.55 -8.34
CA VAL C 84 -2.56 14.96 -7.19
C VAL C 84 -3.41 15.81 -6.24
N LEU C 85 -3.62 15.33 -5.02
CA LEU C 85 -4.40 16.06 -4.04
C LEU C 85 -3.50 16.66 -2.94
N LEU C 86 -3.64 17.97 -2.71
CA LEU C 86 -2.90 18.71 -1.68
C LEU C 86 -3.89 19.38 -0.75
N SER C 87 -3.98 18.92 0.49
CA SER C 87 -5.01 19.43 1.38
C SER C 87 -4.76 18.87 2.77
N HIS C 88 -5.61 19.29 3.72
CA HIS C 88 -5.72 18.60 4.99
C HIS C 88 -6.43 17.26 4.77
N GLY C 89 -6.32 16.37 5.75
CA GLY C 89 -7.09 15.14 5.66
C GLY C 89 -7.07 14.37 6.95
N GLU C 90 -7.84 13.29 6.95
CA GLU C 90 -7.82 12.24 7.95
C GLU C 90 -7.74 10.91 7.23
N GLU C 91 -7.76 9.83 8.00
CA GLU C 91 -7.68 8.51 7.40
C GLU C 91 -8.83 8.31 6.42
N GLY C 92 -8.50 8.12 5.14
CA GLY C 92 -9.48 7.95 4.09
C GLY C 92 -10.14 9.23 3.62
N ILE C 93 -9.66 10.39 4.05
CA ILE C 93 -10.38 11.64 3.80
C ILE C 93 -9.40 12.72 3.36
N ILE C 94 -9.81 13.51 2.36
CA ILE C 94 -9.20 14.80 2.06
C ILE C 94 -10.26 15.89 2.23
N PHE C 95 -9.78 17.13 2.36
CA PHE C 95 -10.64 18.28 2.63
C PHE C 95 -10.77 19.16 1.39
N GLY C 96 -12.01 19.41 0.98
CA GLY C 96 -12.32 20.60 0.20
C GLY C 96 -12.21 21.81 1.11
N THR C 97 -12.28 22.99 0.51
CA THR C 97 -12.14 24.19 1.34
C THR C 97 -13.24 24.29 2.39
N ASN C 98 -14.35 23.56 2.23
CA ASN C 98 -15.45 23.66 3.18
C ASN C 98 -15.74 22.35 3.90
N GLY C 99 -14.90 21.34 3.78
CA GLY C 99 -15.12 20.13 4.52
C GLY C 99 -14.57 18.85 3.91
N PRO C 100 -14.81 17.74 4.58
CA PRO C 100 -14.24 16.45 4.16
C PRO C 100 -14.99 15.76 3.02
N VAL C 101 -14.21 15.06 2.20
CA VAL C 101 -14.73 14.11 1.23
C VAL C 101 -14.00 12.80 1.48
N ASP C 102 -14.67 11.69 1.23
CA ASP C 102 -14.00 10.40 1.25
C ASP C 102 -13.11 10.28 0.01
N LEU C 103 -11.88 9.77 0.21
CA LEU C 103 -11.07 9.37 -0.93
C LEU C 103 -11.84 8.46 -1.88
N LYS C 104 -12.51 7.43 -1.34
CA LYS C 104 -13.26 6.48 -2.19
C LYS C 104 -14.25 7.19 -3.11
N LYS C 105 -14.81 8.32 -2.68
CA LYS C 105 -15.79 9.01 -3.51
C LYS C 105 -15.14 9.51 -4.80
N ILE C 106 -13.91 10.02 -4.69
CA ILE C 106 -13.20 10.55 -5.84
C ILE C 106 -12.65 9.43 -6.71
N THR C 107 -12.06 8.40 -6.09
CA THR C 107 -11.40 7.39 -6.92
C THR C 107 -12.41 6.47 -7.60
N ASN C 108 -13.54 6.17 -6.94
CA ASN C 108 -14.55 5.29 -7.51
C ASN C 108 -14.98 5.72 -8.91
N PHE C 109 -14.90 7.02 -9.22
CA PHE C 109 -15.21 7.51 -10.56
C PHE C 109 -14.38 6.81 -11.65
N PHE C 110 -13.17 6.38 -11.31
CA PHE C 110 -12.22 5.89 -12.29
C PHE C 110 -12.12 4.39 -12.28
N ARG C 111 -13.03 3.72 -11.56
CA ARG C 111 -13.02 2.27 -11.50
C ARG C 111 -13.00 1.69 -12.90
N GLY C 112 -12.41 0.50 -13.02
CA GLY C 112 -12.29 -0.14 -14.33
C GLY C 112 -13.60 -0.23 -15.09
N ASP C 113 -14.73 -0.32 -14.38
CA ASP C 113 -16.05 -0.48 -14.98
C ASP C 113 -16.80 0.83 -15.13
N ARG C 114 -16.31 1.92 -14.54
CA ARG C 114 -17.01 3.19 -14.61
C ARG C 114 -16.29 4.20 -15.48
N CYS C 115 -14.99 4.05 -15.71
CA CYS C 115 -14.26 4.86 -16.68
C CYS C 115 -13.64 3.91 -17.69
N ARG C 116 -14.40 3.62 -18.75
CA ARG C 116 -14.05 2.53 -19.65
C ARG C 116 -12.85 2.85 -20.53
N SER C 117 -12.55 4.13 -20.76
CA SER C 117 -11.36 4.48 -21.53
C SER C 117 -10.09 4.51 -20.70
N LEU C 118 -10.15 4.14 -19.41
CA LEU C 118 -8.98 4.01 -18.56
C LEU C 118 -8.76 2.59 -18.04
N THR C 119 -9.72 1.68 -18.25
CA THR C 119 -9.53 0.25 -17.98
C THR C 119 -8.23 -0.27 -18.54
N GLY C 120 -7.49 -1.02 -17.73
CA GLY C 120 -6.22 -1.56 -18.18
C GLY C 120 -5.07 -0.59 -18.10
N LYS C 121 -5.31 0.61 -17.58
CA LYS C 121 -4.33 1.67 -17.62
C LYS C 121 -4.03 2.18 -16.21
N PRO C 122 -2.78 2.58 -15.96
CA PRO C 122 -2.39 3.00 -14.61
C PRO C 122 -3.06 4.31 -14.20
N LYS C 123 -3.68 4.30 -13.02
CA LYS C 123 -4.39 5.44 -12.45
C LYS C 123 -3.73 5.81 -11.12
N LEU C 124 -2.94 6.89 -11.12
CA LEU C 124 -2.13 7.27 -9.98
C LEU C 124 -2.82 8.38 -9.17
N PHE C 125 -2.94 8.16 -7.87
CA PHE C 125 -3.38 9.19 -6.95
C PHE C 125 -2.25 9.47 -5.97
N ILE C 126 -1.85 10.74 -5.86
CA ILE C 126 -0.77 11.18 -4.99
C ILE C 126 -1.39 12.12 -3.98
N ILE C 127 -1.37 11.74 -2.71
CA ILE C 127 -2.14 12.41 -1.66
C ILE C 127 -1.17 12.97 -0.64
N GLN C 128 -1.04 14.30 -0.60
CA GLN C 128 -0.32 14.98 0.48
C GLN C 128 -1.38 15.53 1.42
N ALA C 129 -1.58 14.83 2.54
CA ALA C 129 -2.60 15.17 3.53
C ALA C 129 -2.41 14.27 4.74
N CYS C 130 -2.94 14.70 5.87
CA CYS C 130 -2.78 13.90 7.07
C CYS C 130 -3.68 12.67 7.00
N ARG C 131 -3.23 11.58 7.61
CA ARG C 131 -4.03 10.36 7.69
C ARG C 131 -4.45 10.06 9.11
N GLY C 132 -4.37 11.06 10.01
CA GLY C 132 -4.69 10.98 11.42
C GLY C 132 -3.70 11.79 12.26
N THR C 133 -3.62 11.46 13.55
CA THR C 133 -2.92 12.30 14.50
C THR C 133 -1.78 11.60 15.22
N GLU C 134 -1.47 10.35 14.89
CA GLU C 134 -0.33 9.68 15.51
C GLU C 134 0.99 10.34 15.11
N LEU C 135 2.00 10.19 15.95
CA LEU C 135 3.30 10.83 15.75
C LEU C 135 4.43 9.79 15.83
N ASP C 136 5.35 9.84 14.88
CA ASP C 136 6.44 8.87 14.79
C ASP C 136 7.68 9.47 15.43
N CYS C 137 8.06 8.95 16.59
N CYS C 137 8.06 8.93 16.60
CA CYS C 137 9.20 9.48 17.32
CA CYS C 137 9.20 9.43 17.36
C CYS C 137 10.53 9.04 16.74
C CYS C 137 10.52 9.05 16.72
N GLY C 138 10.54 8.00 15.90
CA GLY C 138 11.76 7.57 15.25
C GLY C 138 12.66 6.76 16.17
N ILE C 139 13.81 6.39 15.62
CA ILE C 139 14.80 5.62 16.35
C ILE C 139 16.17 5.90 15.74
N GLU C 140 17.17 6.09 16.60
CA GLU C 140 18.51 6.38 16.14
C GLU C 140 19.13 5.13 15.51
N THR C 141 19.76 5.31 14.35
CA THR C 141 20.43 4.19 13.68
C THR C 141 21.92 4.15 13.98
N HIS D 2 -12.87 -13.39 -19.94
CA HIS D 2 -11.71 -12.54 -19.64
C HIS D 2 -12.09 -11.27 -18.88
N LYS D 3 -12.09 -11.32 -17.55
CA LYS D 3 -12.40 -10.15 -16.75
C LYS D 3 -11.17 -9.68 -15.96
N ILE D 4 -11.21 -8.41 -15.57
CA ILE D 4 -10.25 -7.89 -14.60
C ILE D 4 -11.03 -7.19 -13.49
N PRO D 5 -10.45 -7.11 -12.28
CA PRO D 5 -11.15 -6.42 -11.19
C PRO D 5 -11.32 -4.92 -11.47
N VAL D 6 -12.42 -4.36 -10.98
CA VAL D 6 -12.66 -2.93 -11.18
C VAL D 6 -11.68 -2.09 -10.36
N GLU D 7 -11.18 -2.63 -9.24
CA GLU D 7 -10.17 -1.94 -8.44
C GLU D 7 -8.75 -2.13 -8.95
N ALA D 8 -8.57 -2.80 -10.09
CA ALA D 8 -7.24 -3.06 -10.61
C ALA D 8 -6.64 -1.82 -11.25
N ASP D 9 -5.31 -1.74 -11.22
CA ASP D 9 -4.53 -0.69 -11.91
C ASP D 9 -4.61 0.67 -11.25
N PHE D 10 -4.93 0.73 -9.96
CA PHE D 10 -4.73 1.95 -9.20
C PHE D 10 -3.39 1.90 -8.47
N LEU D 11 -2.82 3.08 -8.24
CA LEU D 11 -1.67 3.22 -7.35
C LEU D 11 -1.88 4.47 -6.52
N TYR D 12 -1.91 4.29 -5.20
CA TYR D 12 -2.07 5.40 -4.25
C TYR D 12 -0.73 5.67 -3.60
N ALA D 13 -0.12 6.81 -3.93
CA ALA D 13 1.11 7.28 -3.33
C ALA D 13 0.76 8.26 -2.22
N TYR D 14 0.73 7.77 -0.99
CA TYR D 14 0.41 8.59 0.18
C TYR D 14 1.67 9.21 0.76
N SER D 15 1.51 10.41 1.32
CA SER D 15 2.63 11.10 1.95
C SER D 15 3.04 10.48 3.28
N THR D 16 2.17 9.71 3.92
CA THR D 16 2.46 9.27 5.28
C THR D 16 1.75 7.95 5.56
N ALA D 17 2.22 7.28 6.61
CA ALA D 17 1.68 5.98 6.98
C ALA D 17 0.25 6.14 7.51
N PRO D 18 -0.53 5.05 7.51
CA PRO D 18 -1.92 5.15 7.97
C PRO D 18 -2.02 5.57 9.43
N GLY D 19 -2.90 6.53 9.70
CA GLY D 19 -3.08 7.04 11.04
C GLY D 19 -2.14 8.17 11.46
N TYR D 20 -1.27 8.64 10.58
CA TYR D 20 -0.23 9.58 10.99
C TYR D 20 -0.43 10.97 10.41
N TYR D 21 0.07 11.95 11.16
CA TYR D 21 0.31 13.27 10.64
C TYR D 21 1.15 13.24 9.37
N SER D 22 0.97 14.24 8.51
CA SER D 22 1.89 14.57 7.42
C SER D 22 2.50 15.96 7.66
N TRP D 23 3.78 16.11 7.32
CA TRP D 23 4.56 17.27 7.75
C TRP D 23 4.92 18.17 6.56
N ARG D 24 4.90 19.49 6.81
CA ARG D 24 5.06 20.49 5.75
C ARG D 24 5.86 21.68 6.26
N ASN D 25 6.84 22.08 5.47
CA ASN D 25 7.61 23.30 5.73
C ASN D 25 6.85 24.51 5.19
N SER D 26 6.73 25.56 6.01
CA SER D 26 5.93 26.74 5.64
C SER D 26 6.47 27.43 4.40
N LYS D 27 7.78 27.34 4.14
CA LYS D 27 8.36 28.01 2.98
C LYS D 27 8.57 27.08 1.79
N ASP D 28 9.10 25.87 2.00
CA ASP D 28 9.51 25.05 0.87
C ASP D 28 8.44 24.07 0.38
N GLY D 29 7.41 23.81 1.18
CA GLY D 29 6.39 22.83 0.83
C GLY D 29 6.51 21.56 1.66
N SER D 30 5.67 20.59 1.32
CA SER D 30 5.61 19.36 2.08
C SER D 30 6.83 18.50 1.80
N TRP D 31 7.27 17.77 2.85
CA TRP D 31 8.41 16.87 2.70
C TRP D 31 8.21 15.88 1.55
N PHE D 32 6.98 15.36 1.41
CA PHE D 32 6.69 14.33 0.40
C PHE D 32 6.79 14.90 -1.02
N ILE D 33 6.16 16.05 -1.27
CA ILE D 33 6.15 16.56 -2.65
C ILE D 33 7.55 17.03 -3.06
N GLN D 34 8.24 17.76 -2.18
CA GLN D 34 9.65 18.05 -2.39
C GLN D 34 10.39 16.80 -2.85
N SER D 35 10.30 15.74 -2.05
CA SER D 35 11.08 14.53 -2.29
C SER D 35 10.63 13.82 -3.55
N LEU D 36 9.30 13.75 -3.77
CA LEU D 36 8.79 13.08 -4.96
C LEU D 36 9.26 13.80 -6.22
N CYS D 37 9.03 15.12 -6.29
CA CYS D 37 9.45 15.91 -7.45
C CYS D 37 10.95 15.74 -7.72
N ALA D 38 11.78 15.84 -6.68
CA ALA D 38 13.22 15.61 -6.84
C ALA D 38 13.50 14.24 -7.43
N MET D 39 12.96 13.18 -6.82
CA MET D 39 13.27 11.83 -7.29
C MET D 39 12.69 11.59 -8.68
N LEU D 40 11.61 12.27 -9.05
CA LEU D 40 11.10 12.14 -10.42
C LEU D 40 12.04 12.82 -11.41
N LYS D 41 12.53 14.03 -11.08
CA LYS D 41 13.50 14.68 -11.96
C LYS D 41 14.77 13.84 -12.12
N GLN D 42 15.25 13.25 -11.04
CA GLN D 42 16.50 12.50 -11.10
C GLN D 42 16.35 11.17 -11.83
N TYR D 43 15.22 10.48 -11.65
CA TYR D 43 15.17 9.07 -11.99
C TYR D 43 14.09 8.66 -12.97
N ALA D 44 13.25 9.59 -13.47
CA ALA D 44 12.13 9.21 -14.33
C ALA D 44 12.61 8.50 -15.59
N ASP D 45 13.76 8.91 -16.12
CA ASP D 45 14.36 8.32 -17.30
C ASP D 45 15.22 7.11 -16.97
N LYS D 46 15.15 6.60 -15.75
CA LYS D 46 16.13 5.63 -15.26
C LYS D 46 15.52 4.43 -14.56
N LEU D 47 14.31 4.57 -13.99
CA LEU D 47 13.82 3.60 -13.02
C LEU D 47 12.33 3.37 -13.17
N GLU D 48 11.90 2.15 -12.88
CA GLU D 48 10.47 1.87 -12.80
C GLU D 48 9.85 2.68 -11.66
N PHE D 49 8.55 2.99 -11.80
CA PHE D 49 7.93 3.99 -10.91
C PHE D 49 7.95 3.55 -9.45
N MET D 50 7.72 2.26 -9.19
CA MET D 50 7.84 1.73 -7.82
C MET D 50 9.22 2.00 -7.24
N HIS D 51 10.25 1.89 -8.08
CA HIS D 51 11.60 2.15 -7.59
C HIS D 51 11.80 3.63 -7.29
N ILE D 52 11.21 4.49 -8.12
CA ILE D 52 11.24 5.92 -7.84
C ILE D 52 10.60 6.20 -6.50
N LEU D 53 9.43 5.60 -6.25
CA LEU D 53 8.72 5.84 -5.00
C LEU D 53 9.47 5.29 -3.79
N THR D 54 10.30 4.25 -3.98
CA THR D 54 11.12 3.77 -2.88
C THR D 54 12.26 4.73 -2.56
N ARG D 55 12.81 5.38 -3.59
CA ARG D 55 13.77 6.45 -3.36
C ARG D 55 13.13 7.61 -2.59
N VAL D 56 11.86 7.89 -2.87
CA VAL D 56 11.14 8.95 -2.18
C VAL D 56 10.95 8.58 -0.71
N ASN D 57 10.54 7.33 -0.46
CA ASN D 57 10.47 6.83 0.92
C ASN D 57 11.76 7.09 1.67
N ARG D 58 12.88 6.61 1.12
CA ARG D 58 14.18 6.77 1.77
C ARG D 58 14.51 8.23 1.99
N LYS D 59 14.25 9.07 0.98
CA LYS D 59 14.57 10.49 1.13
C LYS D 59 13.81 11.13 2.29
N VAL D 60 12.49 10.90 2.38
CA VAL D 60 11.70 11.48 3.47
C VAL D 60 12.09 10.87 4.80
N ALA D 61 12.40 9.57 4.82
CA ALA D 61 12.72 8.91 6.08
C ALA D 61 13.99 9.46 6.70
N THR D 62 14.98 9.82 5.88
CA THR D 62 16.30 10.10 6.44
C THR D 62 16.63 11.58 6.51
N GLU D 63 15.99 12.43 5.72
CA GLU D 63 16.41 13.81 5.52
C GLU D 63 15.58 14.83 6.31
N PHE D 64 14.44 14.44 6.87
CA PHE D 64 13.50 15.38 7.43
C PHE D 64 13.14 15.01 8.86
N GLU D 65 12.92 16.05 9.67
CA GLU D 65 12.65 15.89 11.09
C GLU D 65 11.95 17.15 11.57
N SER D 66 10.92 16.98 12.39
CA SER D 66 10.07 18.10 12.76
C SER D 66 10.71 18.94 13.84
N PHE D 67 10.36 20.23 13.84
CA PHE D 67 10.73 21.14 14.91
C PHE D 67 9.47 21.71 15.56
N SER D 68 9.39 21.58 16.87
CA SER D 68 8.32 22.22 17.64
C SER D 68 8.85 22.58 19.01
N PHE D 69 8.37 23.70 19.54
CA PHE D 69 8.67 23.98 20.94
C PHE D 69 7.88 23.09 21.87
N ASP D 70 6.81 22.49 21.37
CA ASP D 70 6.07 21.47 22.11
C ASP D 70 6.84 20.15 22.02
N ALA D 71 7.25 19.62 23.18
CA ALA D 71 7.92 18.32 23.21
C ALA D 71 7.13 17.25 22.49
N THR D 72 5.80 17.33 22.52
CA THR D 72 4.98 16.31 21.85
C THR D 72 5.27 16.28 20.35
N PHE D 73 5.44 17.44 19.72
CA PHE D 73 5.54 17.54 18.27
C PHE D 73 6.96 17.73 17.77
N HIS D 74 7.97 17.63 18.66
CA HIS D 74 9.35 17.96 18.30
C HIS D 74 10.14 16.71 17.94
N ALA D 75 10.89 16.79 16.84
CA ALA D 75 11.86 15.78 16.44
C ALA D 75 11.15 14.49 16.03
N LYS D 76 10.09 14.65 15.23
CA LYS D 76 9.23 13.57 14.74
C LYS D 76 9.56 13.27 13.27
N LYS D 77 9.28 12.02 12.86
CA LYS D 77 9.67 11.51 11.56
C LYS D 77 8.44 11.09 10.75
N GLN D 78 8.69 10.80 9.47
CA GLN D 78 7.60 10.50 8.54
C GLN D 78 8.09 9.49 7.51
N ILE D 79 7.19 8.59 7.13
CA ILE D 79 7.48 7.59 6.08
C ILE D 79 6.27 7.53 5.16
N PRO D 80 6.44 7.78 3.87
CA PRO D 80 5.30 7.67 2.95
C PRO D 80 4.84 6.23 2.80
N CYS D 81 3.64 6.08 2.25
CA CYS D 81 2.99 4.78 2.12
C CYS D 81 2.56 4.52 0.65
N ILE D 82 3.33 3.70 -0.05
CA ILE D 82 2.99 3.29 -1.42
C ILE D 82 1.96 2.17 -1.35
N VAL D 83 0.79 2.39 -1.96
CA VAL D 83 -0.26 1.36 -2.08
C VAL D 83 -0.47 1.07 -3.56
N SER D 84 -0.04 -0.11 -4.00
CA SER D 84 -0.11 -0.50 -5.41
C SER D 84 -1.08 -1.65 -5.63
N MET D 85 -2.15 -1.37 -6.40
CA MET D 85 -2.95 -2.37 -7.10
C MET D 85 -2.62 -2.44 -8.59
N LEU D 86 -1.42 -2.02 -9.00
CA LEU D 86 -1.06 -2.12 -10.41
C LEU D 86 -0.74 -3.57 -10.78
N THR D 87 -0.94 -3.89 -12.06
CA THR D 87 -0.67 -5.23 -12.55
C THR D 87 0.53 -5.30 -13.47
N LYS D 88 1.18 -4.18 -13.75
CA LYS D 88 2.33 -4.15 -14.64
C LYS D 88 3.28 -3.06 -14.16
N GLU D 89 4.48 -3.09 -14.71
CA GLU D 89 5.48 -2.10 -14.37
C GLU D 89 5.21 -0.82 -15.15
N LEU D 90 5.71 0.30 -14.61
CA LEU D 90 5.43 1.62 -15.17
C LEU D 90 6.75 2.36 -15.33
N TYR D 91 7.12 2.64 -16.57
CA TYR D 91 8.26 3.48 -16.89
C TYR D 91 7.78 4.72 -17.65
N PHE D 92 8.37 5.86 -17.33
CA PHE D 92 8.12 7.09 -18.05
C PHE D 92 9.08 7.28 -19.23
N TYR D 93 9.85 6.25 -19.59
CA TYR D 93 10.75 6.37 -20.74
C TYR D 93 10.58 5.18 -21.67
N ILE E 2 -16.10 -24.85 -6.29
CA ILE E 2 -16.84 -23.92 -5.42
C ILE E 2 -15.85 -23.13 -4.56
N THR E 3 -15.91 -21.83 -4.73
CA THR E 3 -14.95 -20.92 -4.11
C THR E 3 -15.48 -20.46 -2.76
N ALA E 4 -14.55 -20.18 -1.85
CA ALA E 4 -14.85 -19.83 -0.47
C ALA E 4 -14.17 -18.51 -0.10
N LYS E 5 -14.78 -17.81 0.85
CA LYS E 5 -14.37 -16.47 1.25
C LYS E 5 -13.59 -16.49 2.56
N ASA E 6 -12.59 -15.61 2.66
CA ASA E 6 -11.86 -15.39 3.92
C ASA E 6 -12.20 -14.05 4.57
O ASA E 6 -12.20 -13.92 5.80
CB ASA E 6 -10.37 -15.45 3.67
CG ASA E 6 -9.84 -16.84 3.68
OD1 ASA E 6 -8.72 -17.06 3.16
OD2 ASA E 6 -10.54 -17.73 4.19
N ILE F 2 7.64 26.04 14.14
CA ILE F 2 8.13 26.23 12.77
C ILE F 2 7.57 25.17 11.77
N THR F 3 7.51 23.87 12.11
CA THR F 3 7.06 22.86 11.14
C THR F 3 5.55 22.66 11.24
N ALA F 4 4.89 22.62 10.08
CA ALA F 4 3.45 22.54 10.01
C ALA F 4 2.96 21.13 9.71
N LYS F 5 1.74 20.83 10.15
CA LYS F 5 1.11 19.52 9.98
C LYS F 5 -0.09 19.60 9.04
N ASA F 6 -0.30 18.54 8.27
CA ASA F 6 -1.43 18.44 7.33
C ASA F 6 -2.46 17.39 7.73
O ASA F 6 -3.63 17.49 7.34
CB ASA F 6 -0.94 18.09 5.93
CG ASA F 6 -0.61 19.29 5.12
OD1 ASA F 6 0.02 19.11 4.08
OD2 ASA F 6 -0.97 20.41 5.53
#